data_6UAH
#
_entry.id   6UAH
#
_cell.length_a   104.410
_cell.length_b   104.410
_cell.length_c   98.849
_cell.angle_alpha   90.000
_cell.angle_beta   90.000
_cell.angle_gamma   120.000
#
_symmetry.space_group_name_H-M   'P 64 2 2'
#
loop_
_entity.id
_entity.type
_entity.pdbx_description
1 polymer 'Putative metallo-beta-lactamase l1 (Beta-lactamase type ii) (Ec 3.5.2.6) (Penicillinase)'
2 non-polymer 'ZINC ION'
3 non-polymer '(2~{S},3~{R},4~{S})-2-[(2~{S},3~{R})-1,3-bis(oxidanyl)-1-oxidanylidene-butan-2-yl]-4-[(3~{S},5~{S})-5-(dimethylcarbamoy l)pyrrolidin-3-yl]sulfanyl-3-methyl-3,4-dihydro-2~{H}-pyrrole-5-carboxylic acid'
4 non-polymer 'TRIETHYLENE GLYCOL'
5 non-polymer 1,2-ETHANEDIOL
6 water water
#
_entity_poly.entity_id   1
_entity_poly.type   'polypeptide(L)'
_entity_poly.pdbx_seq_one_letter_code
;SNAASAAEAPLPQLRAYTVDASWLQPMAPLQVADHTWQIGTEDLTALLVQTAEGAVLLDGGMPQMAGHLLDNMKLRGVAP
QDLRLILLSHAHADHAGPVAELKRRTGAHVAANAETAVLLARGGSNDLHFGDGITYPPASADRIIMDGEVVTVGGIAFTA
HFMPGHTPGSTAWTWTDTRDGKPVRIAYADSLSAPGYQLKGNPRYPRLIEDYKRSFATVRALPCDLLLTPHPGASNWNYA
VGSKASAEALTCNAYADAAEKKFDAQLARETAGTR
;
_entity_poly.pdbx_strand_id   A
#
loop_
_chem_comp.id
_chem_comp.type
_chem_comp.name
_chem_comp.formula
EDO non-polymer 1,2-ETHANEDIOL 'C2 H6 O2'
LMP non-polymer '(2~{S},3~{R},4~{S})-2-[(2~{S},3~{R})-1,3-bis(oxidanyl)-1-oxidanylidene-butan-2-yl]-4-[(3~{S},5~{S})-5-(dimethylcarbamoy l)pyrrolidin-3-yl]sulfanyl-3-methyl-3,4-dihydro-2~{H}-pyrrole-5-carboxylic acid' 'C17 H27 N3 O6 S'
PGE non-polymer 'TRIETHYLENE GLYCOL' 'C6 H14 O4'
ZN non-polymer 'ZINC ION' 'Zn 2'
#
# COMPACT_ATOMS: atom_id res chain seq x y z
N ALA A 9 8.41 9.59 40.52
CA ALA A 9 8.56 9.01 39.19
C ALA A 9 7.82 9.85 38.14
N PRO A 10 8.55 10.35 37.14
CA PRO A 10 7.94 11.20 36.12
C PRO A 10 7.17 10.39 35.08
N LEU A 11 6.39 11.12 34.28
CA LEU A 11 5.66 10.49 33.19
C LEU A 11 6.64 9.99 32.13
N PRO A 12 6.29 8.93 31.40
CA PRO A 12 7.27 8.31 30.50
C PRO A 12 7.53 9.16 29.26
N GLN A 13 8.73 8.98 28.69
CA GLN A 13 9.10 9.67 27.48
C GLN A 13 8.35 9.11 26.28
N LEU A 14 8.21 9.96 25.26
CA LEU A 14 7.67 9.48 24.00
C LEU A 14 8.63 8.48 23.38
N ARG A 15 8.08 7.49 22.69
CA ARG A 15 8.85 6.37 22.17
C ARG A 15 8.70 6.33 20.65
N ALA A 16 9.83 6.35 19.95
CA ALA A 16 9.82 6.48 18.50
C ALA A 16 9.33 5.20 17.83
N TYR A 17 8.81 5.37 16.61
CA TYR A 17 8.37 4.24 15.79
C TYR A 17 9.58 3.71 15.04
N THR A 18 10.14 2.60 15.54
CA THR A 18 11.32 1.98 14.96
C THR A 18 10.92 0.67 14.27
N VAL A 19 11.59 0.36 13.16
CA VAL A 19 11.27 -0.79 12.33
C VAL A 19 12.55 -1.56 12.01
N ASP A 20 12.38 -2.72 11.38
CA ASP A 20 13.53 -3.51 10.95
C ASP A 20 14.36 -2.72 9.94
N ALA A 21 15.67 -2.97 9.96
CA ALA A 21 16.59 -2.23 9.10
C ALA A 21 16.24 -2.40 7.62
N SER A 22 15.80 -3.60 7.23
CA SER A 22 15.46 -3.86 5.83
C SER A 22 14.25 -3.06 5.37
N TRP A 23 13.36 -2.65 6.28
CA TRP A 23 12.29 -1.72 5.90
C TRP A 23 12.83 -0.36 5.49
N LEU A 24 14.07 -0.05 5.88
CA LEU A 24 14.70 1.23 5.56
C LEU A 24 15.95 1.05 4.70
N GLN A 25 16.08 -0.09 4.04
CA GLN A 25 17.26 -0.38 3.22
C GLN A 25 16.99 0.05 1.78
N PRO A 26 17.61 1.12 1.29
CA PRO A 26 17.25 1.63 -0.04
C PRO A 26 17.65 0.66 -1.15
N MET A 27 16.89 0.70 -2.25
CA MET A 27 17.21 -0.04 -3.45
C MET A 27 17.03 0.86 -4.67
N ALA A 28 17.73 0.49 -5.73
CA ALA A 28 17.55 1.12 -7.04
C ALA A 28 16.22 0.67 -7.65
N PRO A 29 15.71 1.42 -8.64
CA PRO A 29 14.42 1.04 -9.23
C PRO A 29 14.44 -0.38 -9.81
N LEU A 30 13.39 -1.14 -9.48
CA LEU A 30 13.22 -2.50 -9.95
C LEU A 30 12.01 -2.56 -10.87
N GLN A 31 12.22 -2.92 -12.13
CA GLN A 31 11.12 -2.85 -13.09
C GLN A 31 10.17 -4.02 -12.90
N VAL A 32 8.88 -3.70 -12.74
CA VAL A 32 7.84 -4.69 -12.56
C VAL A 32 7.14 -5.02 -13.88
N ALA A 33 6.92 -4.00 -14.72
CA ALA A 33 6.35 -4.12 -16.06
C ALA A 33 6.79 -2.88 -16.84
N ASP A 34 6.26 -2.71 -18.05
CA ASP A 34 6.82 -1.71 -18.96
C ASP A 34 6.81 -0.31 -18.36
N HIS A 35 5.75 0.06 -17.62
CA HIS A 35 5.64 1.38 -17.02
C HIS A 35 5.76 1.39 -15.51
N THR A 36 5.87 0.24 -14.86
CA THR A 36 5.74 0.13 -13.41
C THR A 36 7.06 -0.29 -12.78
N TRP A 37 7.47 0.44 -11.73
CA TRP A 37 8.74 0.22 -11.05
C TRP A 37 8.57 0.25 -9.53
N GLN A 38 9.23 -0.67 -8.84
CA GLN A 38 9.39 -0.61 -7.39
C GLN A 38 10.55 0.31 -7.06
N ILE A 39 10.28 1.38 -6.31
CA ILE A 39 11.31 2.39 -6.05
C ILE A 39 11.45 2.66 -4.56
N GLY A 40 10.84 1.82 -3.73
CA GLY A 40 10.94 1.99 -2.29
C GLY A 40 12.17 1.31 -1.72
N THR A 41 12.00 0.55 -0.64
CA THR A 41 13.10 -0.15 0.00
C THR A 41 12.96 -1.64 -0.25
N GLU A 42 13.94 -2.41 0.23
CA GLU A 42 13.88 -3.85 0.05
C GLU A 42 12.66 -4.45 0.74
N ASP A 43 12.17 -3.81 1.80
CA ASP A 43 11.05 -4.39 2.54
C ASP A 43 9.81 -3.52 2.56
N LEU A 44 9.76 -2.43 1.80
CA LEU A 44 8.54 -1.64 1.71
C LEU A 44 8.30 -1.27 0.26
N THR A 45 7.10 -1.59 -0.24
CA THR A 45 6.76 -1.34 -1.62
C THR A 45 6.42 0.14 -1.81
N ALA A 46 6.94 0.73 -2.88
CA ALA A 46 6.47 2.02 -3.35
C ALA A 46 6.54 1.97 -4.87
N LEU A 47 5.38 1.95 -5.52
CA LEU A 47 5.33 1.70 -6.95
C LEU A 47 5.22 3.01 -7.72
N LEU A 48 6.12 3.20 -8.68
CA LEU A 48 6.08 4.34 -9.59
C LEU A 48 5.57 3.85 -10.94
N VAL A 49 4.50 4.46 -11.43
CA VAL A 49 3.97 4.18 -12.77
C VAL A 49 4.17 5.43 -13.62
N GLN A 50 4.91 5.28 -14.72
CA GLN A 50 5.34 6.40 -15.54
C GLN A 50 4.51 6.45 -16.81
N THR A 51 3.80 7.55 -17.02
CA THR A 51 2.94 7.68 -18.20
C THR A 51 3.40 8.84 -19.06
N ALA A 52 2.79 8.92 -20.24
CA ALA A 52 3.09 9.99 -21.17
C ALA A 52 2.80 11.37 -20.60
N GLU A 53 1.92 11.47 -19.61
CA GLU A 53 1.50 12.75 -19.04
C GLU A 53 1.76 12.82 -17.54
N GLY A 54 2.82 12.18 -17.08
CA GLY A 54 3.23 12.28 -15.69
C GLY A 54 3.22 10.92 -15.01
N ALA A 55 3.65 10.94 -13.76
CA ALA A 55 3.87 9.73 -12.99
C ALA A 55 2.83 9.59 -11.89
N VAL A 56 2.59 8.34 -11.50
CA VAL A 56 1.74 8.01 -10.37
C VAL A 56 2.60 7.27 -9.36
N LEU A 57 2.41 7.58 -8.07
CA LEU A 57 3.07 6.85 -6.99
C LEU A 57 2.02 6.14 -6.17
N LEU A 58 2.21 4.84 -5.96
CA LEU A 58 1.34 4.07 -5.07
C LEU A 58 2.16 3.71 -3.84
N ASP A 59 1.85 4.37 -2.72
CA ASP A 59 2.53 4.23 -1.42
C ASP A 59 3.90 4.87 -1.43
N GLY A 60 4.38 5.25 -0.24
CA GLY A 60 5.68 5.87 -0.13
C GLY A 60 6.54 5.26 0.95
N GLY A 61 5.96 4.38 1.75
CA GLY A 61 6.73 3.79 2.83
C GLY A 61 6.80 4.68 4.06
N MET A 62 7.97 4.69 4.72
CA MET A 62 8.20 5.39 5.98
C MET A 62 8.37 6.89 5.76
N PRO A 63 8.11 7.71 6.78
CA PRO A 63 8.30 9.17 6.64
C PRO A 63 9.68 9.57 6.14
N GLN A 64 10.74 8.89 6.57
CA GLN A 64 12.07 9.35 6.17
C GLN A 64 12.47 8.90 4.77
N MET A 65 11.56 8.32 3.99
CA MET A 65 11.89 7.85 2.65
C MET A 65 11.64 8.88 1.55
N ALA A 66 11.17 10.09 1.88
CA ALA A 66 10.77 11.02 0.83
C ALA A 66 11.92 11.33 -0.14
N GLY A 67 13.10 11.64 0.40
CA GLY A 67 14.23 11.96 -0.47
C GLY A 67 14.67 10.78 -1.31
N HIS A 68 14.67 9.59 -0.73
CA HIS A 68 15.02 8.40 -1.51
C HIS A 68 14.06 8.20 -2.68
N LEU A 69 12.76 8.39 -2.45
CA LEU A 69 11.80 8.25 -3.54
C LEU A 69 12.05 9.28 -4.64
N LEU A 70 12.31 10.54 -4.26
CA LEU A 70 12.57 11.57 -5.27
C LEU A 70 13.85 11.26 -6.04
N ASP A 71 14.87 10.73 -5.35
CA ASP A 71 16.09 10.30 -6.02
C ASP A 71 15.81 9.21 -7.05
N ASN A 72 14.99 8.22 -6.69
CA ASN A 72 14.68 7.14 -7.63
C ASN A 72 13.82 7.64 -8.79
N MET A 73 12.86 8.52 -8.52
CA MET A 73 12.11 9.13 -9.61
C MET A 73 13.04 9.81 -10.60
N LYS A 74 14.03 10.57 -10.10
CA LYS A 74 14.96 11.26 -10.99
C LYS A 74 15.77 10.27 -11.81
N LEU A 75 16.18 9.14 -11.21
CA LEU A 75 16.84 8.09 -11.97
C LEU A 75 15.95 7.58 -13.09
N ARG A 76 14.63 7.61 -12.91
CA ARG A 76 13.71 7.15 -13.94
C ARG A 76 13.37 8.24 -14.96
N GLY A 77 13.96 9.42 -14.82
CA GLY A 77 13.64 10.53 -15.70
C GLY A 77 12.46 11.35 -15.24
N VAL A 78 12.04 11.20 -13.99
CA VAL A 78 10.82 11.81 -13.49
C VAL A 78 11.24 12.92 -12.53
N ALA A 79 11.06 14.16 -12.95
CA ALA A 79 11.34 15.30 -12.07
C ALA A 79 10.25 15.39 -11.00
N PRO A 80 10.55 16.02 -9.86
CA PRO A 80 9.53 16.12 -8.81
C PRO A 80 8.19 16.66 -9.30
N GLN A 81 8.21 17.71 -10.11
CA GLN A 81 6.97 18.31 -10.61
C GLN A 81 6.20 17.40 -11.56
N ASP A 82 6.86 16.36 -12.08
CA ASP A 82 6.20 15.41 -12.97
C ASP A 82 5.32 14.40 -12.24
N LEU A 83 5.41 14.31 -10.91
CA LEU A 83 4.52 13.41 -10.17
C LEU A 83 3.14 14.04 -10.07
N ARG A 84 2.15 13.40 -10.69
CA ARG A 84 0.80 13.95 -10.73
C ARG A 84 -0.08 13.47 -9.60
N LEU A 85 0.12 12.25 -9.13
CA LEU A 85 -0.89 11.63 -8.28
C LEU A 85 -0.23 10.63 -7.33
N ILE A 86 -0.69 10.64 -6.08
CA ILE A 86 -0.32 9.64 -5.10
C ILE A 86 -1.55 8.82 -4.75
N LEU A 87 -1.42 7.49 -4.83
CA LEU A 87 -2.43 6.55 -4.38
C LEU A 87 -1.90 5.79 -3.17
N LEU A 88 -2.81 5.28 -2.32
CA LEU A 88 -2.41 4.61 -1.09
C LEU A 88 -3.10 3.27 -0.93
N SER A 89 -2.37 2.30 -0.37
CA SER A 89 -3.01 1.07 0.10
C SER A 89 -3.76 1.32 1.40
N HIS A 90 -3.05 1.81 2.43
CA HIS A 90 -3.71 2.27 3.66
C HIS A 90 -2.82 3.30 4.35
N ALA A 91 -3.40 4.07 5.26
CA ALA A 91 -2.75 5.27 5.79
C ALA A 91 -2.07 5.01 7.14
N HIS A 92 -1.17 4.04 7.16
CA HIS A 92 -0.32 3.82 8.32
C HIS A 92 1.08 4.38 8.05
N ALA A 93 1.84 4.58 9.14
CA ALA A 93 3.12 5.29 9.07
C ALA A 93 4.10 4.65 8.10
N ASP A 94 4.10 3.33 7.96
CA ASP A 94 5.08 2.68 7.10
C ASP A 94 4.65 2.57 5.63
N HIS A 95 3.52 3.17 5.26
CA HIS A 95 3.09 3.12 3.87
C HIS A 95 2.75 4.50 3.32
N ALA A 96 2.20 5.36 4.17
CA ALA A 96 1.85 6.72 3.82
C ALA A 96 2.76 7.74 4.49
N GLY A 97 3.79 7.29 5.18
CA GLY A 97 4.68 8.14 5.95
C GLY A 97 5.12 9.45 5.33
N PRO A 98 5.63 9.42 4.10
CA PRO A 98 6.19 10.64 3.50
C PRO A 98 5.23 11.42 2.61
N VAL A 99 3.92 11.12 2.65
CA VAL A 99 2.97 11.72 1.71
C VAL A 99 2.94 13.25 1.85
N ALA A 100 2.87 13.77 3.09
CA ALA A 100 2.83 15.22 3.26
C ALA A 100 4.04 15.88 2.58
N GLU A 101 5.24 15.37 2.86
CA GLU A 101 6.45 15.98 2.29
C GLU A 101 6.49 15.82 0.78
N LEU A 102 6.08 14.66 0.27
CA LEU A 102 6.03 14.46 -1.17
C LEU A 102 5.08 15.46 -1.84
N LYS A 103 3.90 15.68 -1.26
CA LYS A 103 2.98 16.67 -1.81
C LYS A 103 3.63 18.04 -1.89
N ARG A 104 4.28 18.47 -0.81
CA ARG A 104 4.90 19.79 -0.80
C ARG A 104 5.95 19.92 -1.89
N ARG A 105 6.72 18.87 -2.13
CA ARG A 105 7.88 18.95 -3.02
C ARG A 105 7.55 18.60 -4.47
N THR A 106 6.36 18.08 -4.77
CA THR A 106 6.00 17.68 -6.13
C THR A 106 4.78 18.41 -6.70
N GLY A 107 3.89 18.92 -5.86
CA GLY A 107 2.60 19.37 -6.34
C GLY A 107 1.62 18.26 -6.66
N ALA A 108 1.94 17.02 -6.32
CA ALA A 108 1.02 15.92 -6.59
C ALA A 108 -0.27 16.09 -5.82
N HIS A 109 -1.34 15.51 -6.34
CA HIS A 109 -2.58 15.34 -5.62
C HIS A 109 -2.63 13.95 -5.03
N VAL A 110 -3.32 13.83 -3.89
CA VAL A 110 -3.59 12.53 -3.27
C VAL A 110 -5.05 12.17 -3.54
N ALA A 111 -5.29 10.95 -4.00
CA ALA A 111 -6.64 10.42 -4.15
C ALA A 111 -6.82 9.23 -3.22
N ALA A 112 -7.91 9.23 -2.45
CA ALA A 112 -8.14 8.15 -1.50
C ALA A 112 -9.60 8.14 -1.10
N ASN A 113 -10.04 7.02 -0.53
CA ASN A 113 -11.42 6.96 -0.07
C ASN A 113 -11.56 7.74 1.24
N ALA A 114 -12.81 7.94 1.66
CA ALA A 114 -13.07 8.81 2.80
C ALA A 114 -12.40 8.29 4.06
N GLU A 115 -12.41 6.97 4.30
CA GLU A 115 -11.77 6.43 5.48
C GLU A 115 -10.27 6.71 5.48
N THR A 116 -9.61 6.45 4.34
CA THR A 116 -8.19 6.71 4.29
C THR A 116 -7.91 8.21 4.41
N ALA A 117 -8.79 9.04 3.85
CA ALA A 117 -8.62 10.48 3.93
C ALA A 117 -8.65 10.98 5.38
N VAL A 118 -9.60 10.49 6.19
CA VAL A 118 -9.69 11.02 7.56
C VAL A 118 -8.54 10.52 8.41
N LEU A 119 -8.05 9.30 8.18
CA LEU A 119 -6.92 8.80 8.95
C LEU A 119 -5.65 9.54 8.57
N LEU A 120 -5.47 9.77 7.27
CA LEU A 120 -4.30 10.52 6.79
C LEU A 120 -4.28 11.94 7.35
N ALA A 121 -5.44 12.58 7.41
CA ALA A 121 -5.50 13.94 7.93
C ALA A 121 -5.19 13.99 9.43
N ARG A 122 -5.32 12.86 10.13
CA ARG A 122 -4.94 12.75 11.53
C ARG A 122 -3.49 12.35 11.72
N GLY A 123 -2.74 12.15 10.64
CA GLY A 123 -1.39 11.64 10.76
C GLY A 123 -1.30 10.27 11.40
N GLY A 124 -2.35 9.45 11.24
CA GLY A 124 -2.39 8.14 11.84
C GLY A 124 -2.65 8.14 13.34
N SER A 125 -2.90 9.30 13.94
CA SER A 125 -3.24 9.35 15.36
C SER A 125 -4.68 8.87 15.57
N ASN A 126 -5.00 8.59 16.83
CA ASN A 126 -6.29 8.00 17.23
C ASN A 126 -6.64 6.83 16.32
N ASP A 127 -5.64 6.01 16.05
CA ASP A 127 -5.84 4.78 15.28
C ASP A 127 -6.72 3.82 16.06
N LEU A 128 -7.62 3.12 15.35
CA LEU A 128 -8.59 2.27 16.05
C LEU A 128 -7.92 1.22 16.91
N HIS A 129 -6.73 0.77 16.54
CA HIS A 129 -6.01 -0.24 17.31
C HIS A 129 -4.71 0.26 17.93
N PHE A 130 -3.97 1.13 17.24
CA PHE A 130 -2.69 1.60 17.74
C PHE A 130 -2.78 2.86 18.60
N GLY A 131 -3.94 3.51 18.66
CA GLY A 131 -4.01 4.78 19.39
C GLY A 131 -3.10 5.83 18.75
N ASP A 132 -2.26 6.47 19.58
CA ASP A 132 -1.27 7.43 19.11
C ASP A 132 0.14 6.86 19.05
N GLY A 133 0.27 5.53 19.09
CA GLY A 133 1.60 4.93 19.18
C GLY A 133 2.40 5.04 17.90
N ILE A 134 1.73 5.14 16.75
CA ILE A 134 2.42 5.13 15.47
C ILE A 134 1.86 6.22 14.58
N THR A 135 2.51 7.39 14.55
CA THR A 135 2.01 8.54 13.80
C THR A 135 3.04 9.04 12.81
N TYR A 136 2.61 9.97 11.96
CA TYR A 136 3.40 10.48 10.85
C TYR A 136 2.80 11.83 10.47
N PRO A 137 3.52 12.64 9.69
CA PRO A 137 3.00 13.99 9.38
C PRO A 137 1.69 13.92 8.64
N PRO A 138 0.69 14.66 9.09
CA PRO A 138 -0.65 14.60 8.47
C PRO A 138 -0.63 15.12 7.04
N ALA A 139 -1.54 14.59 6.24
CA ALA A 139 -1.71 15.05 4.87
C ALA A 139 -3.18 14.98 4.49
N SER A 140 -3.58 15.83 3.56
CA SER A 140 -4.97 15.92 3.12
C SER A 140 -5.11 15.25 1.76
N ALA A 141 -6.22 14.54 1.57
CA ALA A 141 -6.56 13.99 0.28
C ALA A 141 -7.22 15.07 -0.59
N ASP A 142 -6.84 15.12 -1.87
CA ASP A 142 -7.37 16.13 -2.78
C ASP A 142 -8.55 15.62 -3.59
N ARG A 143 -8.69 14.30 -3.71
CA ARG A 143 -9.80 13.71 -4.43
C ARG A 143 -10.29 12.51 -3.64
N ILE A 144 -11.59 12.46 -3.37
CA ILE A 144 -12.18 11.33 -2.66
C ILE A 144 -12.66 10.30 -3.68
N ILE A 145 -12.28 9.05 -3.47
CA ILE A 145 -12.52 7.92 -4.39
C ILE A 145 -13.60 7.01 -3.81
N MET A 146 -14.48 6.50 -4.67
CA MET A 146 -15.51 5.53 -4.30
C MET A 146 -15.11 4.14 -4.77
N ASP A 147 -15.74 3.13 -4.16
CA ASP A 147 -15.41 1.75 -4.50
C ASP A 147 -15.66 1.50 -5.99
N GLY A 148 -14.64 1.00 -6.68
CA GLY A 148 -14.74 0.74 -8.10
C GLY A 148 -14.46 1.94 -8.98
N GLU A 149 -14.24 3.12 -8.43
CA GLU A 149 -13.99 4.29 -9.25
C GLU A 149 -12.67 4.14 -10.00
N VAL A 150 -12.60 4.73 -11.19
CA VAL A 150 -11.43 4.66 -12.05
C VAL A 150 -10.72 6.00 -12.03
N VAL A 151 -9.43 5.98 -11.70
CA VAL A 151 -8.56 7.16 -11.80
C VAL A 151 -7.61 6.95 -12.95
N THR A 152 -7.53 7.93 -13.85
CA THR A 152 -6.77 7.81 -15.08
C THR A 152 -5.69 8.89 -15.16
N VAL A 153 -4.46 8.48 -15.42
CA VAL A 153 -3.34 9.39 -15.64
C VAL A 153 -2.62 8.94 -16.91
N GLY A 154 -2.49 9.85 -17.87
CA GLY A 154 -1.77 9.52 -19.09
C GLY A 154 -2.33 8.33 -19.81
N GLY A 155 -3.65 8.13 -19.73
CA GLY A 155 -4.29 7.01 -20.36
C GLY A 155 -4.27 5.73 -19.57
N ILE A 156 -3.50 5.65 -18.49
CA ILE A 156 -3.47 4.45 -17.67
C ILE A 156 -4.57 4.55 -16.61
N ALA A 157 -5.44 3.56 -16.57
CA ALA A 157 -6.62 3.53 -15.70
C ALA A 157 -6.33 2.72 -14.44
N PHE A 158 -6.46 3.35 -13.27
CA PHE A 158 -6.33 2.67 -11.99
C PHE A 158 -7.70 2.52 -11.35
N THR A 159 -8.06 1.30 -10.98
CA THR A 159 -9.35 1.02 -10.37
C THR A 159 -9.17 0.68 -8.89
N ALA A 160 -9.96 1.33 -8.03
CA ALA A 160 -9.95 1.06 -6.59
C ALA A 160 -10.93 -0.04 -6.22
N HIS A 161 -10.49 -0.93 -5.33
CA HIS A 161 -11.33 -2.01 -4.81
C HIS A 161 -11.21 -1.96 -3.29
N PHE A 162 -12.28 -1.55 -2.60
CA PHE A 162 -12.20 -1.43 -1.15
C PHE A 162 -12.07 -2.81 -0.52
N MET A 163 -11.15 -2.93 0.44
CA MET A 163 -10.93 -4.19 1.17
C MET A 163 -10.70 -3.85 2.63
N PRO A 164 -11.70 -3.31 3.31
CA PRO A 164 -11.52 -2.90 4.71
C PRO A 164 -11.14 -4.06 5.61
N GLY A 165 -10.43 -3.74 6.68
CA GLY A 165 -10.06 -4.71 7.68
C GLY A 165 -8.79 -4.27 8.37
N HIS A 166 -7.66 -4.35 7.66
CA HIS A 166 -6.41 -3.88 8.25
C HIS A 166 -6.54 -2.43 8.69
N THR A 167 -7.14 -1.59 7.86
CA THR A 167 -7.72 -0.31 8.22
C THR A 167 -9.10 -0.23 7.58
N PRO A 168 -9.99 0.61 8.10
CA PRO A 168 -11.29 0.79 7.42
C PRO A 168 -11.16 1.25 5.97
N GLY A 169 -10.09 1.98 5.64
CA GLY A 169 -9.88 2.53 4.32
C GLY A 169 -9.03 1.68 3.40
N SER A 170 -8.65 0.48 3.83
CA SER A 170 -7.74 -0.34 3.04
C SER A 170 -8.28 -0.56 1.63
N THR A 171 -7.40 -0.42 0.65
CA THR A 171 -7.78 -0.37 -0.75
C THR A 171 -6.79 -1.16 -1.58
N ALA A 172 -7.31 -1.95 -2.51
CA ALA A 172 -6.52 -2.55 -3.57
C ALA A 172 -6.64 -1.71 -4.83
N TRP A 173 -5.52 -1.54 -5.53
CA TRP A 173 -5.49 -0.79 -6.78
C TRP A 173 -5.10 -1.72 -7.92
N THR A 174 -5.86 -1.69 -9.01
CA THR A 174 -5.56 -2.54 -10.16
C THR A 174 -5.35 -1.71 -11.42
N TRP A 175 -4.43 -2.17 -12.25
CA TRP A 175 -4.23 -1.56 -13.56
C TRP A 175 -3.58 -2.58 -14.49
N THR A 176 -3.72 -2.33 -15.79
CA THR A 176 -3.19 -3.22 -16.81
C THR A 176 -1.99 -2.54 -17.46
N ASP A 177 -0.80 -3.07 -17.20
CA ASP A 177 0.43 -2.64 -17.85
C ASP A 177 0.76 -3.62 -18.99
N THR A 178 1.97 -3.55 -19.53
CA THR A 178 2.41 -4.53 -20.52
C THR A 178 3.80 -5.05 -20.17
N ARG A 179 4.06 -6.27 -20.66
N ARG A 179 4.16 -6.23 -20.66
CA ARG A 179 5.34 -6.97 -20.61
CA ARG A 179 5.51 -6.73 -20.52
C ARG A 179 5.45 -7.81 -21.87
C ARG A 179 6.04 -6.91 -21.94
N ASP A 180 6.58 -7.71 -22.57
N ASP A 180 6.87 -5.97 -22.37
CA ASP A 180 6.82 -8.48 -23.80
CA ASP A 180 7.14 -5.78 -23.80
C ASP A 180 5.65 -8.32 -24.76
C ASP A 180 5.80 -5.71 -24.51
N GLY A 181 5.18 -7.09 -24.89
N GLY A 181 5.34 -6.84 -25.03
CA GLY A 181 4.00 -6.80 -25.69
CA GLY A 181 4.11 -6.87 -25.80
C GLY A 181 2.70 -7.14 -25.00
C GLY A 181 2.82 -7.10 -25.03
N LYS A 182 2.67 -8.28 -24.29
N LYS A 182 2.72 -8.23 -24.30
CA LYS A 182 1.43 -8.80 -23.75
CA LYS A 182 1.46 -8.74 -23.78
C LYS A 182 0.96 -7.98 -22.54
C LYS A 182 0.97 -7.96 -22.55
N PRO A 183 -0.35 -7.86 -22.37
CA PRO A 183 -0.88 -7.15 -21.20
C PRO A 183 -0.64 -7.93 -19.92
N VAL A 184 -0.44 -7.19 -18.83
CA VAL A 184 -0.29 -7.77 -17.50
C VAL A 184 -1.22 -7.02 -16.56
N ARG A 185 -2.20 -7.73 -16.01
CA ARG A 185 -3.12 -7.12 -15.06
C ARG A 185 -2.45 -7.14 -13.69
N ILE A 186 -2.05 -5.97 -13.23
CA ILE A 186 -1.36 -5.85 -11.95
C ILE A 186 -2.40 -5.57 -10.87
N ALA A 187 -2.24 -6.24 -9.73
CA ALA A 187 -3.08 -6.02 -8.57
C ALA A 187 -2.18 -5.66 -7.40
N TYR A 188 -2.30 -4.44 -6.90
CA TYR A 188 -1.59 -4.00 -5.70
C TYR A 188 -2.59 -4.11 -4.56
N ALA A 189 -2.60 -5.27 -3.89
CA ALA A 189 -3.57 -5.56 -2.85
C ALA A 189 -3.03 -5.12 -1.49
N ASP A 190 -3.91 -4.60 -0.64
CA ASP A 190 -3.43 -4.08 0.63
C ASP A 190 -3.12 -5.22 1.60
N SER A 191 -2.53 -4.84 2.74
CA SER A 191 -2.25 -5.78 3.81
C SER A 191 -3.55 -6.38 4.35
N LEU A 192 -3.44 -7.63 4.81
CA LEU A 192 -4.55 -8.34 5.44
C LEU A 192 -4.17 -8.82 6.85
N SER A 193 -3.14 -8.22 7.43
CA SER A 193 -2.73 -8.55 8.79
C SER A 193 -3.68 -7.90 9.78
N ALA A 194 -3.64 -8.42 11.01
CA ALA A 194 -4.40 -7.84 12.13
C ALA A 194 -3.50 -7.80 13.35
N PRO A 195 -2.41 -6.99 13.28
CA PRO A 195 -1.33 -7.12 14.27
C PRO A 195 -1.73 -6.64 15.66
N GLY A 196 -1.93 -7.59 16.58
CA GLY A 196 -2.37 -7.25 17.91
C GLY A 196 -3.78 -6.72 18.00
N TYR A 197 -4.58 -6.85 16.94
CA TYR A 197 -5.94 -6.31 16.97
C TYR A 197 -6.84 -7.17 17.85
N GLN A 198 -7.76 -6.52 18.56
CA GLN A 198 -8.92 -7.21 19.11
C GLN A 198 -9.93 -7.38 17.99
N LEU A 199 -10.21 -8.62 17.61
CA LEU A 199 -11.08 -8.88 16.46
C LEU A 199 -12.55 -8.94 16.83
N LYS A 200 -12.88 -9.53 17.98
CA LYS A 200 -14.25 -9.85 18.34
C LYS A 200 -14.77 -8.81 19.32
N GLY A 201 -15.98 -8.32 19.07
CA GLY A 201 -16.60 -7.37 19.97
C GLY A 201 -15.78 -6.11 20.19
N ASN A 202 -15.15 -5.61 19.14
CA ASN A 202 -14.35 -4.40 19.25
C ASN A 202 -15.27 -3.18 19.17
N PRO A 203 -15.37 -2.39 20.24
CA PRO A 203 -16.32 -1.26 20.20
C PRO A 203 -15.93 -0.19 19.19
N ARG A 204 -14.64 -0.06 18.86
CA ARG A 204 -14.20 0.89 17.84
C ARG A 204 -14.36 0.34 16.43
N TYR A 205 -14.60 -0.97 16.26
CA TYR A 205 -14.76 -1.56 14.93
C TYR A 205 -15.69 -2.76 15.06
N PRO A 206 -16.99 -2.52 15.25
CA PRO A 206 -17.90 -3.63 15.58
C PRO A 206 -18.02 -4.67 14.47
N ARG A 207 -17.88 -4.29 13.19
CA ARG A 207 -18.05 -5.23 12.09
C ARG A 207 -16.71 -5.65 11.49
N LEU A 208 -15.64 -5.61 12.29
CA LEU A 208 -14.30 -5.93 11.82
C LEU A 208 -14.23 -7.31 11.17
N ILE A 209 -14.79 -8.33 11.82
CA ILE A 209 -14.66 -9.68 11.28
C ILE A 209 -15.40 -9.79 9.96
N GLU A 210 -16.61 -9.23 9.88
CA GLU A 210 -17.36 -9.27 8.63
C GLU A 210 -16.59 -8.57 7.51
N ASP A 211 -15.92 -7.46 7.82
CA ASP A 211 -15.18 -6.72 6.80
C ASP A 211 -13.98 -7.52 6.28
N TYR A 212 -13.17 -8.07 7.18
CA TYR A 212 -12.08 -8.94 6.75
C TYR A 212 -12.60 -10.07 5.88
N LYS A 213 -13.65 -10.75 6.32
CA LYS A 213 -14.16 -11.90 5.58
C LYS A 213 -14.55 -11.51 4.17
N ARG A 214 -15.26 -10.39 4.02
N ARG A 214 -15.25 -10.39 4.02
CA ARG A 214 -15.60 -9.91 2.68
CA ARG A 214 -15.60 -9.89 2.70
C ARG A 214 -14.36 -9.50 1.91
C ARG A 214 -14.36 -9.47 1.92
N SER A 215 -13.34 -8.96 2.60
CA SER A 215 -12.16 -8.50 1.88
C SER A 215 -11.34 -9.66 1.35
N PHE A 216 -11.33 -10.81 2.06
CA PHE A 216 -10.71 -12.00 1.46
C PHE A 216 -11.36 -12.33 0.13
N ALA A 217 -12.68 -12.21 0.05
CA ALA A 217 -13.38 -12.57 -1.17
C ALA A 217 -13.15 -11.54 -2.26
N THR A 218 -12.99 -10.27 -1.88
CA THR A 218 -12.65 -9.24 -2.84
C THR A 218 -11.28 -9.49 -3.44
N VAL A 219 -10.30 -9.85 -2.61
CA VAL A 219 -8.94 -10.10 -3.10
C VAL A 219 -8.94 -11.29 -4.06
N ARG A 220 -9.68 -12.36 -3.72
CA ARG A 220 -9.75 -13.53 -4.57
C ARG A 220 -10.30 -13.20 -5.96
N ALA A 221 -11.14 -12.19 -6.06
CA ALA A 221 -11.80 -11.88 -7.32
C ALA A 221 -11.09 -10.79 -8.11
N LEU A 222 -9.95 -10.29 -7.64
CA LEU A 222 -9.26 -9.22 -8.34
C LEU A 222 -8.74 -9.70 -9.69
N PRO A 223 -8.76 -8.84 -10.71
CA PRO A 223 -8.00 -9.13 -11.93
C PRO A 223 -6.51 -9.10 -11.59
N CYS A 224 -5.82 -10.22 -11.83
CA CYS A 224 -4.57 -10.39 -11.12
C CYS A 224 -3.61 -11.33 -11.84
N ASP A 225 -2.96 -10.85 -12.90
CA ASP A 225 -1.86 -11.61 -13.49
C ASP A 225 -0.61 -11.51 -12.63
N LEU A 226 -0.50 -10.45 -11.83
CA LEU A 226 0.68 -10.23 -11.00
C LEU A 226 0.26 -9.49 -9.74
N LEU A 227 0.49 -10.11 -8.59
CA LEU A 227 0.14 -9.53 -7.30
C LEU A 227 1.36 -8.89 -6.65
N LEU A 228 1.18 -7.69 -6.10
CA LEU A 228 2.15 -7.05 -5.23
C LEU A 228 1.43 -6.60 -3.97
N THR A 229 2.18 -6.48 -2.86
CA THR A 229 1.63 -6.12 -1.56
C THR A 229 2.51 -5.07 -0.91
N PRO A 230 1.95 -4.26 0.00
CA PRO A 230 2.76 -3.23 0.66
C PRO A 230 4.02 -3.77 1.31
N HIS A 231 3.96 -4.95 1.94
CA HIS A 231 5.15 -5.64 2.36
C HIS A 231 5.43 -6.76 1.37
N PRO A 232 6.58 -6.76 0.68
CA PRO A 232 6.81 -7.79 -0.35
C PRO A 232 6.73 -9.20 0.19
N GLY A 233 7.18 -9.44 1.41
CA GLY A 233 7.07 -10.76 1.99
C GLY A 233 5.64 -11.28 2.05
N ALA A 234 4.65 -10.38 2.08
CA ALA A 234 3.27 -10.82 2.21
C ALA A 234 2.78 -11.57 0.98
N SER A 235 3.32 -11.23 -0.19
CA SER A 235 2.98 -11.90 -1.43
C SER A 235 4.17 -12.68 -1.99
N ASN A 236 5.22 -12.85 -1.20
CA ASN A 236 6.37 -13.71 -1.49
C ASN A 236 7.26 -13.15 -2.59
N TRP A 237 7.32 -11.82 -2.69
CA TRP A 237 8.36 -11.16 -3.48
C TRP A 237 9.66 -11.09 -2.69
N ASN A 238 10.78 -11.00 -3.43
CA ASN A 238 12.09 -10.74 -2.84
C ASN A 238 12.72 -9.62 -3.67
N TYR A 239 12.57 -8.37 -3.22
CA TYR A 239 13.06 -7.26 -4.02
C TYR A 239 14.57 -7.25 -4.14
N ALA A 240 15.30 -8.01 -3.31
CA ALA A 240 16.74 -7.96 -3.37
C ALA A 240 17.35 -8.76 -4.52
N VAL A 241 16.57 -9.59 -5.22
CA VAL A 241 17.13 -10.47 -6.24
C VAL A 241 16.76 -10.03 -7.65
N GLY A 242 16.40 -8.76 -7.84
CA GLY A 242 16.35 -8.21 -9.19
C GLY A 242 15.33 -8.92 -10.08
N SER A 243 15.80 -9.49 -11.20
CA SER A 243 14.87 -10.08 -12.17
C SER A 243 14.21 -11.35 -11.65
N LYS A 244 14.68 -11.92 -10.55
CA LYS A 244 14.05 -13.08 -9.94
C LYS A 244 13.08 -12.70 -8.82
N ALA A 245 12.85 -11.41 -8.64
CA ALA A 245 12.13 -10.91 -7.46
C ALA A 245 10.70 -11.46 -7.39
N SER A 246 10.04 -11.60 -8.54
CA SER A 246 8.65 -12.03 -8.61
C SER A 246 8.49 -13.53 -8.79
N ALA A 247 9.59 -14.30 -8.85
CA ALA A 247 9.51 -15.68 -9.29
C ALA A 247 8.55 -16.50 -8.44
N GLU A 248 8.65 -16.39 -7.11
CA GLU A 248 7.86 -17.18 -6.19
C GLU A 248 6.64 -16.42 -5.68
N ALA A 249 6.26 -15.33 -6.35
CA ALA A 249 5.14 -14.52 -5.85
C ALA A 249 3.85 -15.33 -5.87
N LEU A 250 3.01 -15.05 -4.89
CA LEU A 250 1.72 -15.71 -4.76
C LEU A 250 0.72 -15.13 -5.76
N THR A 251 -0.28 -15.93 -6.10
CA THR A 251 -1.48 -15.45 -6.77
C THR A 251 -2.33 -14.67 -5.78
N CYS A 252 -3.30 -13.91 -6.31
CA CYS A 252 -4.27 -13.25 -5.44
C CYS A 252 -5.07 -14.27 -4.64
N ASN A 253 -5.41 -15.41 -5.25
CA ASN A 253 -6.13 -16.45 -4.53
C ASN A 253 -5.33 -16.97 -3.33
N ALA A 254 -4.06 -17.30 -3.57
CA ALA A 254 -3.23 -17.86 -2.49
C ALA A 254 -2.98 -16.83 -1.40
N TYR A 255 -2.80 -15.57 -1.79
CA TYR A 255 -2.61 -14.52 -0.79
C TYR A 255 -3.84 -14.42 0.11
N ALA A 256 -5.02 -14.32 -0.49
CA ALA A 256 -6.25 -14.26 0.29
C ALA A 256 -6.41 -15.48 1.19
N ASP A 257 -6.14 -16.67 0.67
CA ASP A 257 -6.39 -17.88 1.44
C ASP A 257 -5.40 -18.03 2.58
N ALA A 258 -4.13 -17.70 2.34
CA ALA A 258 -3.16 -17.70 3.44
C ALA A 258 -3.52 -16.66 4.48
N ALA A 259 -3.96 -15.47 4.05
CA ALA A 259 -4.32 -14.43 5.01
C ALA A 259 -5.54 -14.84 5.84
N GLU A 260 -6.50 -15.52 5.22
CA GLU A 260 -7.71 -15.93 5.94
C GLU A 260 -7.41 -17.07 6.92
N LYS A 261 -6.52 -17.99 6.55
CA LYS A 261 -6.12 -19.03 7.50
C LYS A 261 -5.44 -18.42 8.72
N LYS A 262 -4.51 -17.48 8.51
CA LYS A 262 -3.90 -16.75 9.62
C LYS A 262 -4.95 -16.03 10.47
N PHE A 263 -5.87 -15.32 9.80
CA PHE A 263 -6.93 -14.61 10.52
C PHE A 263 -7.77 -15.57 11.36
N ASP A 264 -8.21 -16.69 10.76
CA ASP A 264 -9.03 -17.67 11.48
C ASP A 264 -8.29 -18.22 12.70
N ALA A 265 -6.99 -18.48 12.55
CA ALA A 265 -6.22 -18.99 13.68
C ALA A 265 -6.11 -17.96 14.78
N GLN A 266 -5.91 -16.68 14.43
CA GLN A 266 -5.82 -15.64 15.44
C GLN A 266 -7.16 -15.43 16.14
N LEU A 267 -8.26 -15.52 15.38
CA LEU A 267 -9.59 -15.40 15.99
C LEU A 267 -9.85 -16.53 16.98
N ALA A 268 -9.50 -17.76 16.61
CA ALA A 268 -9.65 -18.88 17.54
C ALA A 268 -8.80 -18.67 18.78
N ARG A 269 -7.56 -18.17 18.60
CA ARG A 269 -6.71 -17.90 19.75
C ARG A 269 -7.29 -16.79 20.62
N GLU A 270 -7.85 -15.75 19.99
CA GLU A 270 -8.48 -14.68 20.77
C GLU A 270 -9.66 -15.23 21.56
N THR A 271 -10.47 -16.09 20.93
CA THR A 271 -11.59 -16.74 21.61
C THR A 271 -11.13 -17.61 22.77
N ALA A 272 -9.97 -18.24 22.65
CA ALA A 272 -9.44 -19.09 23.72
C ALA A 272 -9.01 -18.24 24.92
N GLY A 273 -7.95 -17.46 24.76
CA GLY A 273 -7.47 -16.60 25.81
C GLY A 273 -8.17 -15.26 25.84
ZN ZN B . -0.83 -1.03 8.44
ZN ZN C . 2.92 -2.21 7.13
C1 LMP D . 2.93 -4.57 10.76
C2 LMP D . 2.08 -5.21 9.81
C3 LMP D . 2.13 -4.49 8.66
O7A LMP D . 3.34 -9.47 6.07
C6A LMP D . 4.13 -9.98 6.78
N7A LMP D . 4.36 -11.41 6.66
C9A LMP D . 3.60 -12.15 5.67
C8A LMP D . 5.33 -12.09 7.50
C5A LMP D . 4.89 -9.16 7.80
C2A LMP D . 3.94 -8.92 9.14
N3A LMP D . 5.25 -7.99 7.29
C4A LMP D . 4.53 -6.88 8.15
C1A LMP D . 3.92 -7.62 9.41
S21 LMP D . 2.14 -7.03 9.73
C31 LMP D . 1.21 -4.67 7.46
O31 LMP D . 0.55 -5.73 7.33
O32 LMP D . 1.12 -3.75 6.60
N4 LMP D . 2.88 -3.30 8.83
C11 LMP D . 2.81 -4.89 12.26
C5 LMP D . 3.24 -3.12 10.31
C6 LMP D . 2.42 -2.14 10.93
C61 LMP D . 3.19 -0.79 10.96
O62 LMP D . 4.35 -0.97 11.71
C62 LMP D . 2.33 0.29 11.60
C7 LMP D . 1.06 -1.94 10.16
O71 LMP D . 1.01 -1.34 9.05
O72 LMP D . 0.01 -2.41 10.68
C1 PGE E . 1.68 -12.51 9.91
O1 PGE E . 2.38 -13.61 9.31
C2 PGE E . 1.17 -11.54 8.84
O2 PGE E . 0.44 -12.23 7.83
C3 PGE E . -0.25 -11.34 6.95
C4 PGE E . -0.99 -12.14 5.88
O4 PGE E . 1.07 -15.40 3.80
C6 PGE E . 0.38 -14.31 3.19
C5 PGE E . -0.68 -13.71 4.11
O3 PGE E . -0.06 -12.94 5.17
C1 EDO F . -2.69 -12.41 10.84
O1 EDO F . -2.46 -12.24 9.44
C2 EDO F . -1.64 -11.61 11.58
O2 EDO F . -2.28 -10.50 12.21
#